data_3GEG
#
_entry.id   3GEG
#
_cell.length_a   124.272
_cell.length_b   124.272
_cell.length_c   161.208
_cell.angle_alpha   90.000
_cell.angle_beta   90.000
_cell.angle_gamma   90.000
#
_symmetry.space_group_name_H-M   'I 41 2 2'
#
loop_
_entity.id
_entity.type
_entity.pdbx_description
1 polymer 'Short-chain dehydrogenase/reductase SDR'
2 non-polymer NICOTINAMIDE-ADENINE-DINUCLEOTIDE
3 non-polymer GLYCEROL
4 non-polymer THIOSULFATE
5 non-polymer 'SODIUM ION'
6 water water
#
_entity_poly.entity_id   1
_entity_poly.type   'polypeptide(L)'
_entity_poly.pdbx_seq_one_letter_code
;MNRGVIVTGGGHGIGKQICLDFLEAGDKVCFIDIDEKRSADFAKERPNLFYFHGDVADPLTLKKFVEYAMEKLQRIDVLV
NNACRGSKGILSSLLYEEFDYILSVGLKAPYELSRLCRDELIKNKGRIINIASTRAFQSEPDSEAYASAKGGIVALTHAL
AMSLGPDVLVNCIAPGWINVTEQQEFTQEDCAAIPAGKVGTPKDISNMVLFLCQQDFITGETIIVDGGMSKRMIYHGDWN
WFYKIDK
;
_entity_poly.pdbx_strand_id   A,B
#
# COMPACT_ATOMS: atom_id res chain seq x y z
N ASN A 2 21.08 10.90 4.78
CA ASN A 2 22.27 10.87 3.94
C ASN A 2 21.95 10.53 2.49
N ARG A 3 20.67 10.58 2.14
CA ARG A 3 20.26 10.37 0.75
C ARG A 3 20.19 11.71 0.01
N GLY A 4 20.45 11.68 -1.29
CA GLY A 4 20.16 12.81 -2.15
C GLY A 4 18.77 12.59 -2.74
N VAL A 5 17.86 13.53 -2.51
CA VAL A 5 16.46 13.36 -2.92
C VAL A 5 16.00 14.47 -3.84
N ILE A 6 15.38 14.13 -4.97
CA ILE A 6 14.80 15.14 -5.83
C ILE A 6 13.29 15.00 -5.88
N VAL A 7 12.61 16.15 -5.78
CA VAL A 7 11.14 16.18 -5.77
C VAL A 7 10.63 17.21 -6.77
N THR A 8 9.59 16.86 -7.51
CA THR A 8 8.95 17.82 -8.41
C THR A 8 7.70 18.39 -7.75
N GLY A 9 7.43 19.67 -7.99
CA GLY A 9 6.32 20.33 -7.34
C GLY A 9 6.51 20.39 -5.84
N GLY A 10 7.74 20.64 -5.40
CA GLY A 10 8.07 20.61 -3.99
C GLY A 10 7.78 21.89 -3.23
N GLY A 11 7.30 22.90 -3.94
CA GLY A 11 7.07 24.20 -3.33
C GLY A 11 5.80 24.35 -2.50
N HIS A 12 4.87 23.41 -2.64
CA HIS A 12 3.58 23.53 -1.96
C HIS A 12 2.92 22.18 -1.79
N GLY A 13 1.90 22.15 -0.93
CA GLY A 13 1.06 20.97 -0.77
C GLY A 13 1.77 19.68 -0.44
N ILE A 14 1.46 18.64 -1.21
CA ILE A 14 2.02 17.32 -0.99
C ILE A 14 3.53 17.31 -1.16
N GLY A 15 4.01 17.93 -2.23
CA GLY A 15 5.43 17.98 -2.52
C GLY A 15 6.21 18.63 -1.39
N LYS A 16 5.67 19.72 -0.88
CA LYS A 16 6.29 20.45 0.22
C LYS A 16 6.47 19.58 1.46
N GLN A 17 5.42 18.87 1.84
CA GLN A 17 5.46 18.00 3.02
C GLN A 17 6.43 16.85 2.81
N ILE A 18 6.48 16.31 1.60
CA ILE A 18 7.45 15.29 1.28
C ILE A 18 8.87 15.80 1.47
N CYS A 19 9.14 17.02 1.00
CA CYS A 19 10.46 17.63 1.18
C CYS A 19 10.83 17.74 2.66
N LEU A 20 9.90 18.23 3.46
CA LEU A 20 10.13 18.39 4.89
C LEU A 20 10.43 17.08 5.58
N ASP A 21 9.67 16.04 5.22
CA ASP A 21 9.86 14.72 5.79
C ASP A 21 11.26 14.16 5.51
N PHE A 22 11.72 14.27 4.27
CA PHE A 22 13.07 13.80 3.95
C PHE A 22 14.12 14.61 4.67
N LEU A 23 13.92 15.92 4.75
CA LEU A 23 14.83 16.78 5.50
C LEU A 23 14.91 16.30 6.95
N GLU A 24 13.75 16.08 7.56
CA GLU A 24 13.68 15.60 8.92
C GLU A 24 14.39 14.25 9.05
N ALA A 25 14.28 13.42 8.02
CA ALA A 25 14.95 12.12 8.00
C ALA A 25 16.47 12.27 7.89
N GLY A 26 16.95 13.48 7.61
CA GLY A 26 18.38 13.74 7.54
C GLY A 26 18.94 13.74 6.13
N ASP A 27 18.06 13.77 5.13
CA ASP A 27 18.50 13.77 3.75
C ASP A 27 18.65 15.19 3.21
N LYS A 28 19.32 15.31 2.06
CA LYS A 28 19.39 16.58 1.34
C LYS A 28 18.39 16.51 0.21
N VAL A 29 17.69 17.62 -0.03
CA VAL A 29 16.61 17.61 -1.00
C VAL A 29 16.75 18.74 -2.02
N CYS A 30 16.61 18.41 -3.30
CA CYS A 30 16.55 19.41 -4.35
C CYS A 30 15.19 19.31 -5.05
N PHE A 31 14.46 20.41 -5.12
CA PHE A 31 13.14 20.37 -5.72
C PHE A 31 12.96 21.41 -6.83
N ILE A 32 12.17 21.04 -7.84
CA ILE A 32 11.83 21.96 -8.91
C ILE A 32 10.37 22.39 -8.76
N ASP A 33 10.09 23.64 -9.08
CA ASP A 33 8.74 24.16 -9.00
C ASP A 33 8.62 25.44 -9.82
N ILE A 34 7.42 25.68 -10.34
CA ILE A 34 7.19 26.81 -11.23
C ILE A 34 6.84 28.09 -10.44
N ASP A 35 6.45 27.93 -9.19
CA ASP A 35 6.08 29.06 -8.33
C ASP A 35 7.29 29.57 -7.56
N GLU A 36 7.95 30.60 -8.10
CA GLU A 36 9.28 31.00 -7.62
C GLU A 36 9.33 31.57 -6.21
N LYS A 37 8.48 32.55 -5.94
CA LYS A 37 8.46 33.25 -4.66
C LYS A 37 8.20 32.28 -3.51
N ARG A 38 7.15 31.48 -3.65
CA ARG A 38 6.77 30.50 -2.63
C ARG A 38 7.89 29.49 -2.40
N SER A 39 8.52 29.06 -3.47
CA SER A 39 9.55 28.02 -3.40
C SER A 39 10.85 28.55 -2.81
N ALA A 40 11.17 29.81 -3.12
CA ALA A 40 12.36 30.43 -2.57
C ALA A 40 12.22 30.59 -1.06
N ASP A 41 11.05 31.04 -0.61
CA ASP A 41 10.78 31.17 0.81
C ASP A 41 10.94 29.82 1.51
N PHE A 42 10.38 28.78 0.88
CA PHE A 42 10.46 27.43 1.43
C PHE A 42 11.91 27.02 1.67
N ALA A 43 12.77 27.29 0.70
CA ALA A 43 14.16 26.90 0.80
C ALA A 43 14.97 27.81 1.74
N LYS A 44 14.55 29.07 1.88
CA LYS A 44 15.32 30.04 2.65
C LYS A 44 15.71 29.54 4.04
N GLU A 45 16.98 29.66 4.38
CA GLU A 45 17.49 29.28 5.70
C GLU A 45 17.21 27.82 6.06
N ARG A 46 17.20 26.96 5.04
CA ARG A 46 17.21 25.51 5.22
C ARG A 46 18.32 24.98 4.33
N PRO A 47 19.54 24.89 4.89
CA PRO A 47 20.77 24.62 4.12
C PRO A 47 20.72 23.35 3.27
N ASN A 48 19.98 22.34 3.73
CA ASN A 48 19.91 21.07 3.02
C ASN A 48 18.76 21.01 2.02
N LEU A 49 18.11 22.13 1.78
CA LEU A 49 16.98 22.19 0.86
C LEU A 49 17.30 23.11 -0.31
N PHE A 50 17.34 22.57 -1.51
CA PHE A 50 17.74 23.37 -2.67
C PHE A 50 16.60 23.51 -3.68
N TYR A 51 16.38 24.73 -4.13
CA TYR A 51 15.27 25.03 -5.04
C TYR A 51 15.75 25.38 -6.44
N PHE A 52 15.10 24.80 -7.44
CA PHE A 52 15.40 25.07 -8.83
C PHE A 52 14.11 25.53 -9.50
N HIS A 53 14.10 26.76 -10.00
CA HIS A 53 12.93 27.30 -10.66
C HIS A 53 12.80 26.78 -12.09
N GLY A 54 11.63 26.28 -12.45
CA GLY A 54 11.42 25.77 -13.80
C GLY A 54 10.13 25.00 -13.99
N ASP A 55 9.75 24.84 -15.26
CA ASP A 55 8.56 24.10 -15.64
C ASP A 55 8.96 22.72 -16.12
N VAL A 56 8.48 21.68 -15.44
CA VAL A 56 8.84 20.30 -15.79
C VAL A 56 8.32 19.87 -17.14
N ALA A 57 7.47 20.68 -17.75
CA ALA A 57 6.94 20.40 -19.09
C ALA A 57 8.02 20.52 -20.16
N ASP A 58 9.06 21.29 -19.86
CA ASP A 58 10.14 21.54 -20.82
C ASP A 58 11.32 20.60 -20.58
N PRO A 59 11.63 19.75 -21.57
CA PRO A 59 12.66 18.71 -21.47
C PRO A 59 14.02 19.31 -21.12
N LEU A 60 14.34 20.44 -21.74
CA LEU A 60 15.60 21.13 -21.49
C LEU A 60 15.73 21.51 -20.02
N THR A 61 14.63 21.99 -19.45
CA THR A 61 14.60 22.36 -18.05
C THR A 61 14.84 21.14 -17.17
N LEU A 62 14.28 19.99 -17.56
CA LEU A 62 14.47 18.75 -16.80
C LEU A 62 15.95 18.36 -16.72
N LYS A 63 16.66 18.46 -17.85
CA LYS A 63 18.08 18.12 -17.88
C LYS A 63 18.90 19.10 -17.04
N LYS A 64 18.61 20.39 -17.18
CA LYS A 64 19.28 21.41 -16.39
C LYS A 64 18.99 21.20 -14.90
N PHE A 65 17.75 20.85 -14.59
CA PHE A 65 17.35 20.58 -13.22
C PHE A 65 18.17 19.45 -12.59
N VAL A 66 18.28 18.33 -13.31
CA VAL A 66 19.05 17.19 -12.80
C VAL A 66 20.52 17.57 -12.63
N GLU A 67 21.04 18.36 -13.57
CA GLU A 67 22.42 18.83 -13.47
C GLU A 67 22.62 19.66 -12.21
N TYR A 68 21.68 20.58 -11.96
CA TYR A 68 21.71 21.38 -10.75
C TYR A 68 21.70 20.50 -9.50
N ALA A 69 20.77 19.54 -9.47
CA ALA A 69 20.64 18.62 -8.34
C ALA A 69 21.91 17.83 -8.09
N MET A 70 22.56 17.34 -9.15
CA MET A 70 23.78 16.57 -8.99
C MET A 70 24.91 17.45 -8.47
N GLU A 71 24.83 18.74 -8.77
CA GLU A 71 25.85 19.69 -8.30
C GLU A 71 25.66 19.98 -6.82
N LYS A 72 24.42 20.09 -6.39
CA LYS A 72 24.09 20.40 -4.98
C LYS A 72 24.10 19.15 -4.10
N LEU A 73 23.65 18.03 -4.64
CA LEU A 73 23.51 16.80 -3.86
C LEU A 73 24.70 15.85 -4.06
N GLN A 74 25.32 15.90 -5.23
CA GLN A 74 26.43 15.02 -5.57
C GLN A 74 26.01 13.57 -5.72
N ARG A 75 24.75 13.27 -5.48
CA ARG A 75 24.23 11.92 -5.61
C ARG A 75 22.72 11.93 -5.59
N ILE A 76 22.12 11.01 -6.34
CA ILE A 76 20.67 10.92 -6.38
C ILE A 76 20.23 9.51 -5.98
N ASP A 77 19.53 9.43 -4.86
CA ASP A 77 19.08 8.17 -4.29
C ASP A 77 17.57 7.99 -4.48
N VAL A 78 16.85 9.10 -4.50
CA VAL A 78 15.38 9.05 -4.56
C VAL A 78 14.83 10.08 -5.53
N LEU A 79 13.93 9.63 -6.40
CA LEU A 79 13.22 10.54 -7.29
C LEU A 79 11.73 10.48 -6.99
N VAL A 80 11.16 11.62 -6.62
CA VAL A 80 9.72 11.70 -6.37
C VAL A 80 9.05 12.55 -7.44
N ASN A 81 8.26 11.91 -8.27
CA ASN A 81 7.49 12.59 -9.29
C ASN A 81 6.12 13.02 -8.76
N ASN A 82 6.03 14.28 -8.38
CA ASN A 82 4.84 14.80 -7.70
C ASN A 82 4.12 15.90 -8.48
N ALA A 83 4.85 16.65 -9.29
CA ALA A 83 4.26 17.81 -9.96
C ALA A 83 3.08 17.43 -10.88
N CYS A 84 2.00 18.20 -10.78
CA CYS A 84 0.87 18.08 -11.69
C CYS A 84 -0.11 19.20 -11.44
N ARG A 85 -0.90 19.55 -12.45
CA ARG A 85 -1.95 20.53 -12.30
C ARG A 85 -3.25 20.02 -12.90
N GLY A 86 -4.36 20.26 -12.20
CA GLY A 86 -5.67 19.85 -12.67
C GLY A 86 -6.05 20.52 -13.97
N SER A 87 -7.03 19.94 -14.67
CA SER A 87 -7.47 20.49 -15.94
C SER A 87 -8.92 20.13 -16.19
N LYS A 88 -9.39 20.48 -17.39
CA LYS A 88 -10.73 20.11 -17.81
C LYS A 88 -10.64 19.00 -18.84
N GLY A 89 -11.60 18.93 -19.74
CA GLY A 89 -11.61 17.83 -20.70
C GLY A 89 -12.55 18.05 -21.86
N ILE A 90 -13.21 16.97 -22.28
CA ILE A 90 -13.96 16.96 -23.52
C ILE A 90 -15.20 17.85 -23.48
N LEU A 91 -15.81 18.01 -22.31
CA LEU A 91 -17.01 18.85 -22.19
C LEU A 91 -16.66 20.34 -22.30
N SER A 92 -15.45 20.69 -21.89
CA SER A 92 -14.93 22.04 -22.06
C SER A 92 -14.26 22.16 -23.41
N SER A 93 -14.26 21.05 -24.15
CA SER A 93 -13.54 20.97 -25.42
C SER A 93 -12.06 21.38 -25.25
N LEU A 94 -11.41 20.84 -24.22
CA LEU A 94 -10.01 21.18 -23.95
C LEU A 94 -9.17 20.98 -25.21
N LEU A 95 -8.48 22.05 -25.63
CA LEU A 95 -7.68 22.00 -26.85
C LEU A 95 -6.59 20.93 -26.82
N TYR A 96 -6.20 20.44 -27.99
CA TYR A 96 -5.14 19.45 -28.15
C TYR A 96 -3.84 19.84 -27.45
N GLU A 97 -3.42 21.08 -27.66
CA GLU A 97 -2.15 21.56 -27.13
C GLU A 97 -2.16 21.63 -25.61
N GLU A 98 -3.34 21.86 -25.04
CA GLU A 98 -3.48 21.94 -23.59
C GLU A 98 -3.59 20.55 -22.96
N PHE A 99 -4.21 19.63 -23.68
CA PHE A 99 -4.22 18.21 -23.29
C PHE A 99 -2.77 17.72 -23.28
N ASP A 100 -2.04 18.07 -24.34
CA ASP A 100 -0.62 17.72 -24.45
C ASP A 100 0.17 18.27 -23.26
N TYR A 101 -0.05 19.54 -22.93
CA TYR A 101 0.65 20.15 -21.80
C TYR A 101 0.46 19.36 -20.51
N ILE A 102 -0.76 18.91 -20.24
CA ILE A 102 -1.03 18.12 -19.04
C ILE A 102 -0.20 16.85 -19.05
N LEU A 103 -0.10 16.24 -20.23
CA LEU A 103 0.70 15.02 -20.39
C LEU A 103 2.18 15.31 -20.18
N SER A 104 2.65 16.46 -20.68
CA SER A 104 4.03 16.86 -20.49
C SER A 104 4.38 16.91 -19.01
N VAL A 105 3.51 17.52 -18.22
CA VAL A 105 3.76 17.70 -16.80
C VAL A 105 3.60 16.39 -16.04
N GLY A 106 2.52 15.67 -16.32
CA GLY A 106 2.16 14.52 -15.50
C GLY A 106 2.67 13.17 -15.96
N LEU A 107 3.18 13.09 -17.18
CA LEU A 107 3.53 11.78 -17.73
C LEU A 107 4.91 11.77 -18.38
N LYS A 108 5.15 12.73 -19.25
CA LYS A 108 6.45 12.85 -19.91
C LYS A 108 7.57 13.17 -18.92
N ALA A 109 7.32 14.11 -18.00
CA ALA A 109 8.34 14.51 -17.04
C ALA A 109 8.81 13.35 -16.15
N PRO A 110 7.86 12.61 -15.55
CA PRO A 110 8.26 11.45 -14.76
C PRO A 110 9.14 10.49 -15.56
N TYR A 111 8.78 10.22 -16.82
CA TYR A 111 9.63 9.36 -17.64
C TYR A 111 11.00 9.98 -17.89
N GLU A 112 11.03 11.23 -18.34
CA GLU A 112 12.29 11.87 -18.69
C GLU A 112 13.21 12.00 -17.49
N LEU A 113 12.66 12.33 -16.33
CA LEU A 113 13.46 12.44 -15.11
C LEU A 113 14.03 11.08 -14.74
N SER A 114 13.19 10.05 -14.84
CA SER A 114 13.67 8.69 -14.58
C SER A 114 14.78 8.32 -15.56
N ARG A 115 14.62 8.70 -16.83
CA ARG A 115 15.63 8.41 -17.84
C ARG A 115 16.95 9.14 -17.55
N LEU A 116 16.86 10.43 -17.25
CA LEU A 116 18.05 11.22 -16.92
C LEU A 116 18.78 10.64 -15.71
N CYS A 117 18.02 10.13 -14.75
CA CYS A 117 18.60 9.66 -13.49
C CYS A 117 18.86 8.15 -13.49
N ARG A 118 18.61 7.50 -14.62
CA ARG A 118 18.65 6.04 -14.66
C ARG A 118 19.92 5.44 -14.04
N ASP A 119 21.08 5.79 -14.61
CA ASP A 119 22.35 5.20 -14.18
C ASP A 119 22.67 5.53 -12.73
N GLU A 120 22.45 6.79 -12.35
CA GLU A 120 22.65 7.21 -10.97
C GLU A 120 21.81 6.38 -10.00
N LEU A 121 20.53 6.24 -10.29
CA LEU A 121 19.63 5.46 -9.42
C LEU A 121 20.01 3.97 -9.36
N ILE A 122 20.32 3.38 -10.50
CA ILE A 122 20.75 1.98 -10.53
C ILE A 122 21.97 1.83 -9.64
N LYS A 123 22.96 2.67 -9.85
CA LYS A 123 24.21 2.63 -9.09
C LYS A 123 23.97 2.74 -7.59
N ASN A 124 23.10 3.67 -7.19
CA ASN A 124 22.82 3.90 -5.79
C ASN A 124 21.74 2.97 -5.21
N LYS A 125 21.28 2.01 -6.00
CA LYS A 125 20.19 1.14 -5.57
C LYS A 125 19.01 1.97 -5.06
N GLY A 126 18.57 2.93 -5.86
CA GLY A 126 17.62 3.92 -5.38
C GLY A 126 16.14 3.58 -5.49
N ARG A 127 15.32 4.61 -5.36
CA ARG A 127 13.87 4.45 -5.37
C ARG A 127 13.23 5.52 -6.24
N ILE A 128 12.11 5.17 -6.88
CA ILE A 128 11.30 6.15 -7.58
C ILE A 128 9.89 6.08 -7.03
N ILE A 129 9.33 7.23 -6.67
CA ILE A 129 7.96 7.26 -6.19
C ILE A 129 7.16 8.23 -7.04
N ASN A 130 6.10 7.72 -7.67
CA ASN A 130 5.23 8.54 -8.47
C ASN A 130 3.94 8.84 -7.74
N ILE A 131 3.50 10.10 -7.79
CA ILE A 131 2.22 10.49 -7.20
C ILE A 131 1.18 10.53 -8.29
N ALA A 132 0.19 9.65 -8.22
CA ALA A 132 -0.89 9.66 -9.20
C ALA A 132 -2.14 10.29 -8.58
N SER A 133 -3.24 9.54 -8.60
CA SER A 133 -4.52 10.02 -8.10
C SER A 133 -5.53 8.89 -8.26
N THR A 134 -6.56 8.88 -7.43
CA THR A 134 -7.66 7.93 -7.63
C THR A 134 -8.41 8.22 -8.93
N ARG A 135 -8.19 9.39 -9.50
CA ARG A 135 -8.75 9.73 -10.81
C ARG A 135 -8.19 8.84 -11.94
N ALA A 136 -7.17 8.05 -11.63
CA ALA A 136 -6.67 7.06 -12.58
C ALA A 136 -7.67 5.93 -12.77
N PHE A 137 -8.54 5.73 -11.78
CA PHE A 137 -9.38 4.54 -11.73
C PHE A 137 -10.88 4.82 -11.83
N GLN A 138 -11.29 6.03 -11.44
CA GLN A 138 -12.67 6.47 -11.56
C GLN A 138 -12.66 7.91 -12.06
N SER A 139 -13.73 8.34 -12.72
CA SER A 139 -13.76 9.69 -13.27
C SER A 139 -15.02 10.46 -12.88
N GLU A 140 -14.84 11.77 -12.73
CA GLU A 140 -15.95 12.72 -12.81
C GLU A 140 -15.99 13.20 -14.25
N PRO A 141 -17.12 13.77 -14.68
CA PRO A 141 -17.18 14.33 -16.05
C PRO A 141 -16.09 15.38 -16.30
N ASP A 142 -15.70 15.52 -17.56
CA ASP A 142 -14.78 16.58 -18.00
C ASP A 142 -13.38 16.50 -17.37
N SER A 143 -12.86 15.27 -17.22
CA SER A 143 -11.55 15.05 -16.60
C SER A 143 -10.56 14.31 -17.50
N GLU A 144 -10.79 14.33 -18.81
CA GLU A 144 -9.99 13.49 -19.73
C GLU A 144 -8.47 13.67 -19.63
N ALA A 145 -8.01 14.92 -19.55
CA ALA A 145 -6.57 15.20 -19.55
C ALA A 145 -5.93 14.63 -18.29
N TYR A 146 -6.50 14.97 -17.16
CA TYR A 146 -6.02 14.51 -15.87
C TYR A 146 -6.05 12.98 -15.78
N ALA A 147 -7.13 12.38 -16.27
CA ALA A 147 -7.27 10.92 -16.21
C ALA A 147 -6.20 10.23 -17.04
N SER A 148 -5.97 10.76 -18.23
CA SER A 148 -4.98 10.19 -19.15
C SER A 148 -3.58 10.22 -18.54
N ALA A 149 -3.20 11.36 -17.98
CA ALA A 149 -1.88 11.49 -17.36
C ALA A 149 -1.75 10.54 -16.17
N LYS A 150 -2.81 10.46 -15.38
CA LYS A 150 -2.75 9.66 -14.16
C LYS A 150 -2.79 8.16 -14.45
N GLY A 151 -3.64 7.76 -15.40
CA GLY A 151 -3.65 6.38 -15.86
C GLY A 151 -2.28 6.03 -16.43
N GLY A 152 -1.70 6.96 -17.18
CA GLY A 152 -0.39 6.74 -17.78
C GLY A 152 0.68 6.51 -16.72
N ILE A 153 0.63 7.29 -15.65
CA ILE A 153 1.69 7.20 -14.66
C ILE A 153 1.58 5.92 -13.81
N VAL A 154 0.36 5.44 -13.60
CA VAL A 154 0.15 4.16 -12.91
C VAL A 154 0.83 3.03 -13.68
N ALA A 155 0.67 3.04 -15.01
CA ALA A 155 1.29 2.02 -15.85
C ALA A 155 2.81 2.24 -15.99
N LEU A 156 3.21 3.50 -16.14
CA LEU A 156 4.63 3.84 -16.20
C LEU A 156 5.35 3.29 -14.97
N THR A 157 4.67 3.27 -13.84
CA THR A 157 5.23 2.76 -12.59
C THR A 157 5.63 1.30 -12.68
N HIS A 158 4.73 0.43 -13.12
CA HIS A 158 5.13 -0.97 -13.25
C HIS A 158 6.10 -1.20 -14.41
N ALA A 159 6.01 -0.38 -15.46
CA ALA A 159 7.00 -0.45 -16.53
C ALA A 159 8.41 -0.16 -15.99
N LEU A 160 8.55 0.95 -15.28
CA LEU A 160 9.84 1.32 -14.69
C LEU A 160 10.31 0.28 -13.69
N ALA A 161 9.37 -0.27 -12.93
CA ALA A 161 9.70 -1.27 -11.92
C ALA A 161 10.30 -2.52 -12.59
N MET A 162 9.72 -2.93 -13.70
CA MET A 162 10.19 -4.12 -14.38
C MET A 162 11.49 -3.88 -15.15
N SER A 163 11.71 -2.64 -15.58
CA SER A 163 12.97 -2.30 -16.26
C SER A 163 14.15 -2.19 -15.30
N LEU A 164 13.90 -1.60 -14.14
CA LEU A 164 14.99 -1.23 -13.25
C LEU A 164 15.22 -2.18 -12.07
N GLY A 165 14.28 -3.08 -11.81
CA GLY A 165 14.47 -4.09 -10.78
C GLY A 165 15.64 -4.96 -11.20
N PRO A 166 16.40 -5.50 -10.23
CA PRO A 166 16.20 -5.37 -8.78
C PRO A 166 16.86 -4.15 -8.15
N ASP A 167 17.62 -3.39 -8.94
CA ASP A 167 18.42 -2.28 -8.41
C ASP A 167 17.59 -1.11 -7.90
N VAL A 168 16.59 -0.72 -8.68
CA VAL A 168 15.73 0.40 -8.31
C VAL A 168 14.32 -0.13 -8.11
N LEU A 169 13.68 0.26 -7.00
CA LEU A 169 12.28 -0.08 -6.79
C LEU A 169 11.41 1.15 -7.04
N VAL A 170 10.28 0.93 -7.69
CA VAL A 170 9.45 2.01 -8.21
C VAL A 170 7.99 1.77 -7.83
N ASN A 171 7.40 2.71 -7.10
CA ASN A 171 6.02 2.56 -6.67
C ASN A 171 5.22 3.85 -6.87
N CYS A 172 3.92 3.76 -6.71
CA CYS A 172 3.02 4.88 -6.97
C CYS A 172 1.98 5.01 -5.87
N ILE A 173 1.67 6.25 -5.48
CA ILE A 173 0.61 6.48 -4.53
C ILE A 173 -0.49 7.25 -5.24
N ALA A 174 -1.72 6.80 -5.08
CA ALA A 174 -2.86 7.48 -5.70
C ALA A 174 -3.70 8.15 -4.60
N PRO A 175 -3.45 9.45 -4.36
CA PRO A 175 -4.20 10.13 -3.30
C PRO A 175 -5.65 10.37 -3.70
N GLY A 176 -6.52 10.43 -2.70
CA GLY A 176 -7.88 10.90 -2.92
C GLY A 176 -7.88 12.38 -2.60
N TRP A 177 -8.82 12.81 -1.77
CA TRP A 177 -8.94 14.23 -1.44
C TRP A 177 -7.95 14.64 -0.36
N ILE A 178 -6.91 15.39 -0.77
CA ILE A 178 -5.92 15.87 0.18
C ILE A 178 -6.01 17.39 0.32
N ASN A 179 -6.23 17.86 1.53
CA ASN A 179 -6.40 19.30 1.74
C ASN A 179 -5.04 19.98 1.61
N VAL A 180 -4.86 20.72 0.53
CA VAL A 180 -3.66 21.53 0.38
C VAL A 180 -4.00 23.02 0.50
N THR A 181 -5.08 23.29 1.23
CA THR A 181 -5.50 24.66 1.53
C THR A 181 -5.29 24.95 3.01
N PHE A 186 -14.25 22.69 6.43
CA PHE A 186 -15.05 21.66 5.77
C PHE A 186 -16.37 21.42 6.51
N THR A 187 -17.40 21.10 5.75
CA THR A 187 -18.72 20.84 6.33
C THR A 187 -18.78 19.46 6.96
N GLN A 188 -19.78 19.26 7.82
CA GLN A 188 -19.99 17.97 8.46
C GLN A 188 -20.16 16.89 7.39
N GLU A 189 -20.81 17.25 6.28
CA GLU A 189 -21.06 16.31 5.19
C GLU A 189 -19.80 15.95 4.41
N ASP A 190 -18.93 16.95 4.22
CA ASP A 190 -17.64 16.75 3.55
C ASP A 190 -16.85 15.62 4.20
N CYS A 191 -16.84 15.61 5.54
CA CYS A 191 -16.02 14.65 6.29
C CYS A 191 -16.76 13.33 6.46
N ALA A 192 -18.06 13.40 6.70
CA ALA A 192 -18.85 12.19 6.93
C ALA A 192 -18.98 11.34 5.66
N ALA A 193 -18.91 11.98 4.50
CA ALA A 193 -19.10 11.27 3.23
C ALA A 193 -17.92 10.36 2.89
N ILE A 194 -16.76 10.69 3.44
CA ILE A 194 -15.57 9.86 3.28
C ILE A 194 -15.60 8.78 4.36
N PRO A 195 -15.47 7.51 3.96
CA PRO A 195 -15.60 6.43 4.95
C PRO A 195 -14.67 6.60 6.15
N ALA A 196 -13.44 7.08 5.93
CA ALA A 196 -12.50 7.27 7.03
C ALA A 196 -12.87 8.46 7.91
N GLY A 197 -13.82 9.28 7.44
CA GLY A 197 -14.42 10.33 8.24
C GLY A 197 -13.62 11.63 8.38
N LYS A 198 -12.60 11.81 7.55
CA LYS A 198 -11.81 13.05 7.54
C LYS A 198 -11.37 13.34 6.12
N VAL A 199 -10.97 14.58 5.87
CA VAL A 199 -10.29 14.93 4.64
C VAL A 199 -8.79 14.63 4.83
N GLY A 200 -8.14 14.14 3.78
CA GLY A 200 -6.73 13.79 3.84
C GLY A 200 -5.79 14.96 4.00
N THR A 201 -4.57 14.69 4.45
CA THR A 201 -3.54 15.71 4.60
C THR A 201 -2.26 15.31 3.89
N PRO A 202 -1.40 16.29 3.57
CA PRO A 202 -0.15 15.98 2.89
C PRO A 202 0.67 14.95 3.66
N LYS A 203 0.62 15.01 4.98
CA LYS A 203 1.34 14.05 5.83
C LYS A 203 0.89 12.61 5.58
N ASP A 204 -0.39 12.42 5.26
CA ASP A 204 -0.88 11.09 4.91
C ASP A 204 -0.15 10.54 3.70
N ILE A 205 0.22 11.42 2.78
CA ILE A 205 0.93 10.98 1.59
C ILE A 205 2.43 10.85 1.86
N SER A 206 3.03 11.83 2.53
CA SER A 206 4.47 11.79 2.77
C SER A 206 4.86 10.63 3.67
N ASN A 207 4.01 10.27 4.62
CA ASN A 207 4.27 9.07 5.42
C ASN A 207 4.42 7.85 4.53
N MET A 208 3.53 7.69 3.56
CA MET A 208 3.58 6.54 2.67
C MET A 208 4.79 6.61 1.74
N VAL A 209 5.13 7.81 1.29
CA VAL A 209 6.32 8.02 0.46
C VAL A 209 7.58 7.50 1.17
N LEU A 210 7.81 7.99 2.39
CA LEU A 210 9.00 7.57 3.12
C LEU A 210 8.95 6.10 3.51
N PHE A 211 7.76 5.59 3.77
CA PHE A 211 7.65 4.17 4.09
C PHE A 211 8.03 3.33 2.87
N LEU A 212 7.50 3.69 1.71
CA LEU A 212 7.77 2.92 0.50
C LEU A 212 9.25 2.92 0.13
N CYS A 213 9.91 4.07 0.31
CA CYS A 213 11.35 4.15 0.05
C CYS A 213 12.18 3.19 0.92
N GLN A 214 11.70 2.89 2.13
CA GLN A 214 12.46 2.03 3.06
C GLN A 214 12.23 0.54 2.86
N GLN A 215 11.20 0.17 2.11
CA GLN A 215 10.88 -1.22 1.90
C GLN A 215 11.76 -1.75 0.76
N ASP A 216 11.94 -3.07 0.71
CA ASP A 216 12.63 -3.67 -0.43
C ASP A 216 11.91 -4.86 -1.05
N PHE A 217 10.63 -5.05 -0.73
CA PHE A 217 9.85 -6.13 -1.35
C PHE A 217 8.55 -5.65 -1.97
N ILE A 218 8.45 -4.34 -2.19
CA ILE A 218 7.30 -3.79 -2.90
C ILE A 218 7.81 -3.03 -4.11
N THR A 219 7.35 -3.42 -5.29
CA THR A 219 7.72 -2.68 -6.49
C THR A 219 6.65 -2.84 -7.57
N GLY A 220 6.44 -1.76 -8.31
CA GLY A 220 5.45 -1.75 -9.38
C GLY A 220 4.03 -1.45 -8.93
N GLU A 221 3.82 -1.32 -7.62
N GLU A 221 3.84 -1.29 -7.62
CA GLU A 221 2.47 -1.22 -7.10
CA GLU A 221 2.50 -1.20 -7.03
C GLU A 221 1.96 0.22 -7.05
C GLU A 221 1.96 0.23 -6.96
N THR A 222 0.64 0.36 -7.06
CA THR A 222 -0.01 1.64 -6.82
C THR A 222 -0.89 1.51 -5.56
N ILE A 223 -0.66 2.37 -4.59
CA ILE A 223 -1.39 2.29 -3.34
C ILE A 223 -2.38 3.44 -3.22
N ILE A 224 -3.64 3.09 -2.96
CA ILE A 224 -4.70 4.10 -2.88
C ILE A 224 -4.80 4.65 -1.48
N VAL A 225 -4.69 5.96 -1.37
CA VAL A 225 -4.77 6.65 -0.09
C VAL A 225 -5.85 7.74 -0.16
N ASP A 226 -7.10 7.33 0.02
CA ASP A 226 -8.25 8.21 -0.19
C ASP A 226 -9.33 8.05 0.87
N GLY A 227 -8.98 7.55 2.05
CA GLY A 227 -9.96 7.42 3.11
C GLY A 227 -11.07 6.43 2.77
N GLY A 228 -10.81 5.56 1.79
CA GLY A 228 -11.77 4.55 1.40
C GLY A 228 -12.82 4.99 0.40
N MET A 229 -12.70 6.21 -0.13
CA MET A 229 -13.76 6.77 -0.98
C MET A 229 -14.05 5.91 -2.21
N SER A 230 -13.01 5.40 -2.86
CA SER A 230 -13.20 4.66 -4.11
C SER A 230 -13.82 3.30 -3.86
N LYS A 231 -13.70 2.80 -2.63
CA LYS A 231 -14.28 1.51 -2.27
C LYS A 231 -15.74 1.58 -1.88
N ARG A 232 -16.27 2.80 -1.77
CA ARG A 232 -17.67 2.98 -1.38
C ARG A 232 -18.62 2.83 -2.58
N MET A 233 -19.48 1.81 -2.53
CA MET A 233 -20.50 1.63 -3.55
C MET A 233 -21.63 2.63 -3.29
N ILE A 234 -21.97 3.40 -4.30
CA ILE A 234 -22.96 4.46 -4.15
C ILE A 234 -24.05 4.34 -5.21
N TYR A 235 -25.29 4.18 -4.75
CA TYR A 235 -26.46 4.23 -5.61
C TYR A 235 -27.44 5.25 -5.06
N HIS A 236 -28.07 6.00 -5.95
CA HIS A 236 -28.98 7.06 -5.56
C HIS A 236 -30.08 6.54 -4.63
N GLY A 237 -30.32 7.25 -3.53
CA GLY A 237 -31.39 6.92 -2.61
C GLY A 237 -31.01 5.93 -1.53
N ASP A 238 -29.81 5.35 -1.65
CA ASP A 238 -29.37 4.32 -0.71
C ASP A 238 -28.22 4.80 0.17
N TRP A 239 -28.25 4.39 1.45
CA TRP A 239 -27.16 4.66 2.37
C TRP A 239 -26.63 6.10 2.31
N ASN A 240 -27.57 7.05 2.39
CA ASN A 240 -27.25 8.46 2.62
C ASN A 240 -26.81 9.26 1.41
N TRP A 241 -26.75 8.63 0.24
CA TRP A 241 -26.33 9.31 -0.99
C TRP A 241 -27.50 9.61 -1.92
N PHE A 242 -27.48 10.79 -2.54
CA PHE A 242 -28.58 11.22 -3.39
C PHE A 242 -28.10 11.97 -4.61
N TYR A 243 -28.59 11.57 -5.79
CA TYR A 243 -28.30 12.27 -7.03
C TYR A 243 -29.37 13.34 -7.25
N LYS A 244 -28.93 14.55 -7.56
CA LYS A 244 -29.86 15.66 -7.75
C LYS A 244 -29.78 16.21 -9.18
N ILE A 245 -30.84 16.03 -9.94
CA ILE A 245 -30.95 16.65 -11.25
C ILE A 245 -31.24 18.14 -11.07
N ASP A 246 -30.54 18.99 -11.83
CA ASP A 246 -30.70 20.43 -11.70
C ASP A 246 -31.65 21.02 -12.75
N ASN B 2 -0.31 -0.79 26.56
CA ASN B 2 -0.84 0.13 25.57
C ASN B 2 -1.99 -0.45 24.78
N ARG B 3 -1.71 -0.95 23.57
CA ARG B 3 -2.74 -1.58 22.74
C ARG B 3 -2.94 -3.06 23.08
N GLY B 4 -4.18 -3.53 22.93
CA GLY B 4 -4.46 -4.95 22.97
C GLY B 4 -4.55 -5.47 21.54
N VAL B 5 -3.74 -6.47 21.21
CA VAL B 5 -3.68 -6.98 19.84
C VAL B 5 -3.97 -8.48 19.78
N ILE B 6 -4.89 -8.89 18.93
CA ILE B 6 -5.11 -10.32 18.71
C ILE B 6 -4.68 -10.73 17.31
N VAL B 7 -4.00 -11.87 17.22
CA VAL B 7 -3.47 -12.37 15.96
C VAL B 7 -3.86 -13.82 15.77
N THR B 8 -4.32 -14.19 14.57
CA THR B 8 -4.56 -15.60 14.27
C THR B 8 -3.36 -16.19 13.53
N GLY B 9 -3.02 -17.44 13.86
CA GLY B 9 -1.85 -18.08 13.29
C GLY B 9 -0.54 -17.42 13.70
N GLY B 10 -0.47 -16.99 14.97
CA GLY B 10 0.68 -16.24 15.45
C GLY B 10 1.85 -17.10 15.91
N GLY B 11 1.71 -18.41 15.79
CA GLY B 11 2.72 -19.33 16.27
C GLY B 11 3.93 -19.55 15.37
N HIS B 12 3.81 -19.14 14.10
CA HIS B 12 4.89 -19.33 13.15
C HIS B 12 4.81 -18.32 11.99
N GLY B 13 5.92 -18.19 11.26
CA GLY B 13 5.97 -17.40 10.04
C GLY B 13 5.54 -15.95 10.19
N ILE B 14 4.66 -15.53 9.28
CA ILE B 14 4.22 -14.14 9.22
C ILE B 14 3.56 -13.71 10.53
N GLY B 15 2.67 -14.56 11.05
CA GLY B 15 1.95 -14.25 12.28
C GLY B 15 2.88 -14.10 13.46
N LYS B 16 3.92 -14.92 13.50
CA LYS B 16 4.90 -14.85 14.58
C LYS B 16 5.64 -13.52 14.57
N GLN B 17 6.08 -13.09 13.39
CA GLN B 17 6.79 -11.83 13.24
C GLN B 17 5.91 -10.62 13.56
N ILE B 18 4.65 -10.70 13.16
CA ILE B 18 3.68 -9.67 13.53
C ILE B 18 3.54 -9.57 15.06
N CYS B 19 3.41 -10.71 15.73
CA CYS B 19 3.35 -10.72 17.20
C CYS B 19 4.58 -10.04 17.81
N LEU B 20 5.76 -10.40 17.32
CA LEU B 20 7.00 -9.83 17.85
C LEU B 20 7.04 -8.32 17.64
N ASP B 21 6.63 -7.87 16.46
CA ASP B 21 6.64 -6.46 16.15
C ASP B 21 5.73 -5.66 17.10
N PHE B 22 4.52 -6.16 17.35
CA PHE B 22 3.63 -5.49 18.29
C PHE B 22 4.16 -5.50 19.72
N LEU B 23 4.79 -6.62 20.11
CA LEU B 23 5.44 -6.69 21.41
C LEU B 23 6.50 -5.61 21.52
N GLU B 24 7.34 -5.52 20.50
CA GLU B 24 8.42 -4.55 20.46
C GLU B 24 7.87 -3.12 20.52
N ALA B 25 6.69 -2.92 19.94
CA ALA B 25 6.04 -1.61 19.95
C ALA B 25 5.45 -1.28 21.32
N GLY B 26 5.48 -2.25 22.23
CA GLY B 26 5.02 -2.05 23.60
C GLY B 26 3.60 -2.49 23.87
N ASP B 27 3.02 -3.26 22.97
CA ASP B 27 1.64 -3.70 23.12
C ASP B 27 1.55 -5.08 23.77
N LYS B 28 0.36 -5.47 24.17
CA LYS B 28 0.10 -6.82 24.64
C LYS B 28 -0.58 -7.61 23.53
N VAL B 29 -0.15 -8.85 23.33
CA VAL B 29 -0.60 -9.64 22.20
C VAL B 29 -1.14 -10.99 22.63
N CYS B 30 -2.34 -11.32 22.13
CA CYS B 30 -2.91 -12.65 22.32
C CYS B 30 -3.13 -13.31 20.96
N PHE B 31 -2.58 -14.50 20.76
CA PHE B 31 -2.69 -15.16 19.45
C PHE B 31 -3.28 -16.55 19.57
N ILE B 32 -4.04 -16.95 18.56
CA ILE B 32 -4.58 -18.31 18.50
C ILE B 32 -3.79 -19.10 17.46
N ASP B 33 -3.54 -20.37 17.75
CA ASP B 33 -2.84 -21.23 16.82
C ASP B 33 -3.11 -22.69 17.12
N ILE B 34 -3.06 -23.52 16.09
CA ILE B 34 -3.42 -24.91 16.21
C ILE B 34 -2.20 -25.75 16.62
N ASP B 35 -1.01 -25.20 16.44
CA ASP B 35 0.23 -25.90 16.76
C ASP B 35 0.66 -25.59 18.20
N GLU B 36 0.28 -26.48 19.12
CA GLU B 36 0.40 -26.18 20.55
C GLU B 36 1.83 -25.99 21.05
N LYS B 37 2.70 -26.95 20.75
CA LYS B 37 4.07 -26.93 21.26
C LYS B 37 4.84 -25.68 20.82
N ARG B 38 4.85 -25.43 19.52
CA ARG B 38 5.57 -24.29 18.98
C ARG B 38 5.04 -22.98 19.54
N SER B 39 3.72 -22.89 19.68
CA SER B 39 3.09 -21.67 20.16
C SER B 39 3.36 -21.43 21.62
N ALA B 40 3.38 -22.51 22.40
CA ALA B 40 3.66 -22.40 23.82
C ALA B 40 5.11 -21.94 24.04
N ASP B 41 6.04 -22.50 23.28
CA ASP B 41 7.43 -22.06 23.34
C ASP B 41 7.55 -20.58 23.02
N PHE B 42 6.84 -20.16 21.97
CA PHE B 42 6.86 -18.76 21.52
C PHE B 42 6.43 -17.83 22.65
N ALA B 43 5.37 -18.21 23.36
CA ALA B 43 4.86 -17.39 24.45
C ALA B 43 5.71 -17.50 25.72
N LYS B 44 6.42 -18.61 25.89
CA LYS B 44 7.18 -18.83 27.11
C LYS B 44 8.08 -17.63 27.49
N GLU B 45 7.98 -17.20 28.74
CA GLU B 45 8.84 -16.14 29.28
C GLU B 45 8.79 -14.83 28.49
N ARG B 46 7.62 -14.55 27.91
CA ARG B 46 7.32 -13.25 27.32
C ARG B 46 5.99 -12.80 27.91
N PRO B 47 6.03 -12.10 29.05
CA PRO B 47 4.83 -11.83 29.87
C PRO B 47 3.67 -11.18 29.11
N ASN B 48 3.98 -10.39 28.08
CA ASN B 48 2.94 -9.68 27.34
C ASN B 48 2.41 -10.44 26.12
N LEU B 49 2.76 -11.71 26.01
CA LEU B 49 2.34 -12.52 24.86
C LEU B 49 1.51 -13.72 25.33
N PHE B 50 0.23 -13.76 24.97
CA PHE B 50 -0.61 -14.85 25.45
C PHE B 50 -1.04 -15.79 24.32
N TYR B 51 -0.94 -17.09 24.56
CA TYR B 51 -1.29 -18.09 23.57
C TYR B 51 -2.58 -18.81 23.91
N PHE B 52 -3.44 -18.96 22.91
CA PHE B 52 -4.67 -19.73 23.04
C PHE B 52 -4.65 -20.85 22.01
N HIS B 53 -4.68 -22.09 22.47
CA HIS B 53 -4.67 -23.24 21.57
C HIS B 53 -6.05 -23.46 20.97
N GLY B 54 -6.13 -23.55 19.65
CA GLY B 54 -7.40 -23.79 19.02
C GLY B 54 -7.40 -23.67 17.51
N ASP B 55 -8.47 -24.18 16.91
CA ASP B 55 -8.65 -24.13 15.46
C ASP B 55 -9.66 -23.03 15.10
N VAL B 56 -9.23 -22.06 14.30
CA VAL B 56 -10.12 -20.95 13.95
C VAL B 56 -11.31 -21.40 13.08
N ALA B 57 -11.24 -22.62 12.56
CA ALA B 57 -12.33 -23.17 11.76
C ALA B 57 -13.60 -23.36 12.60
N ASP B 58 -13.44 -23.48 13.91
CA ASP B 58 -14.54 -23.74 14.83
C ASP B 58 -15.08 -22.46 15.46
N PRO B 59 -16.34 -22.12 15.15
CA PRO B 59 -16.97 -20.88 15.63
C PRO B 59 -16.98 -20.80 17.16
N LEU B 60 -17.18 -21.93 17.82
CA LEU B 60 -17.20 -21.95 19.28
C LEU B 60 -15.82 -21.62 19.84
N THR B 61 -14.79 -22.11 19.17
CA THR B 61 -13.42 -21.82 19.54
C THR B 61 -13.11 -20.33 19.38
N LEU B 62 -13.66 -19.71 18.33
CA LEU B 62 -13.46 -18.28 18.10
C LEU B 62 -13.99 -17.45 19.27
N LYS B 63 -15.20 -17.75 19.73
CA LYS B 63 -15.80 -17.01 20.84
C LYS B 63 -15.01 -17.18 22.14
N LYS B 64 -14.61 -18.41 22.43
CA LYS B 64 -13.78 -18.69 23.59
C LYS B 64 -12.43 -17.97 23.48
N PHE B 65 -11.89 -17.92 22.27
CA PHE B 65 -10.62 -17.22 22.04
C PHE B 65 -10.75 -15.74 22.39
N VAL B 66 -11.77 -15.08 21.85
CA VAL B 66 -11.97 -13.66 22.11
C VAL B 66 -12.23 -13.41 23.60
N GLU B 67 -12.97 -14.32 24.23
CA GLU B 67 -13.22 -14.20 25.67
C GLU B 67 -11.92 -14.32 26.45
N TYR B 68 -11.08 -15.27 26.06
CA TYR B 68 -9.77 -15.43 26.68
C TYR B 68 -8.92 -14.17 26.47
N ALA B 69 -8.92 -13.66 25.24
CA ALA B 69 -8.16 -12.46 24.91
C ALA B 69 -8.59 -11.24 25.72
N MET B 70 -9.89 -11.07 25.90
CA MET B 70 -10.38 -9.93 26.67
C MET B 70 -9.94 -10.06 28.13
N GLU B 71 -9.80 -11.29 28.60
CA GLU B 71 -9.37 -11.52 29.98
C GLU B 71 -7.90 -11.15 30.16
N LYS B 72 -7.08 -11.49 29.17
CA LYS B 72 -5.64 -11.25 29.25
C LYS B 72 -5.24 -9.84 28.84
N LEU B 73 -5.92 -9.29 27.84
CA LEU B 73 -5.57 -7.96 27.32
C LEU B 73 -6.44 -6.88 27.93
N GLN B 74 -7.69 -7.24 28.25
CA GLN B 74 -8.65 -6.31 28.84
C GLN B 74 -9.15 -5.27 27.84
N ARG B 75 -8.57 -5.28 26.65
CA ARG B 75 -9.01 -4.40 25.58
C ARG B 75 -8.51 -4.93 24.24
N ILE B 76 -9.29 -4.69 23.18
CA ILE B 76 -8.88 -5.12 21.84
C ILE B 76 -8.85 -3.91 20.93
N ASP B 77 -7.65 -3.56 20.46
CA ASP B 77 -7.45 -2.40 19.60
C ASP B 77 -7.18 -2.81 18.17
N VAL B 78 -6.61 -4.00 18.00
CA VAL B 78 -6.21 -4.46 16.68
C VAL B 78 -6.52 -5.94 16.49
N LEU B 79 -7.14 -6.27 15.36
CA LEU B 79 -7.40 -7.66 15.00
C LEU B 79 -6.62 -7.97 13.73
N VAL B 80 -5.70 -8.92 13.82
CA VAL B 80 -4.93 -9.34 12.65
C VAL B 80 -5.36 -10.75 12.21
N ASN B 81 -6.06 -10.81 11.08
CA ASN B 81 -6.51 -12.08 10.52
C ASN B 81 -5.46 -12.67 9.59
N ASN B 82 -4.73 -13.66 10.10
CA ASN B 82 -3.55 -14.16 9.41
C ASN B 82 -3.57 -15.66 9.15
N ALA B 83 -4.33 -16.40 9.94
CA ALA B 83 -4.33 -17.86 9.82
C ALA B 83 -4.79 -18.33 8.43
N CYS B 84 -4.10 -19.33 7.90
CA CYS B 84 -4.53 -20.00 6.67
C CYS B 84 -3.54 -21.09 6.28
N ARG B 85 -4.06 -22.18 5.74
CA ARG B 85 -3.25 -23.24 5.15
C ARG B 85 -3.70 -23.50 3.74
N GLY B 86 -2.77 -23.48 2.80
CA GLY B 86 -3.08 -23.75 1.41
C GLY B 86 -3.52 -25.18 1.20
N SER B 87 -4.12 -25.45 0.05
CA SER B 87 -4.47 -26.80 -0.33
C SER B 87 -4.52 -26.93 -1.84
N LYS B 88 -5.25 -27.93 -2.32
CA LYS B 88 -5.32 -28.22 -3.74
C LYS B 88 -6.66 -27.74 -4.29
N GLY B 89 -7.16 -28.40 -5.33
CA GLY B 89 -8.40 -27.94 -5.94
C GLY B 89 -9.03 -28.93 -6.89
N ILE B 90 -9.54 -28.40 -8.00
CA ILE B 90 -10.38 -29.17 -8.90
C ILE B 90 -9.63 -30.27 -9.64
N LEU B 91 -8.33 -30.08 -9.89
CA LEU B 91 -7.55 -31.12 -10.57
C LEU B 91 -7.29 -32.30 -9.65
N SER B 92 -7.23 -32.02 -8.35
CA SER B 92 -7.13 -33.06 -7.33
C SER B 92 -8.54 -33.51 -6.93
N SER B 93 -9.55 -32.90 -7.53
CA SER B 93 -10.93 -33.14 -7.15
C SER B 93 -11.11 -32.96 -5.64
N LEU B 94 -10.57 -31.88 -5.10
CA LEU B 94 -10.69 -31.60 -3.67
C LEU B 94 -12.16 -31.65 -3.25
N LEU B 95 -12.48 -32.44 -2.24
CA LEU B 95 -13.86 -32.65 -1.81
C LEU B 95 -14.55 -31.39 -1.27
N TYR B 96 -15.87 -31.34 -1.39
CA TYR B 96 -16.70 -30.25 -0.87
C TYR B 96 -16.34 -29.87 0.58
N GLU B 97 -16.31 -30.86 1.46
CA GLU B 97 -16.04 -30.63 2.87
C GLU B 97 -14.67 -30.02 3.11
N GLU B 98 -13.69 -30.37 2.27
CA GLU B 98 -12.34 -29.86 2.44
C GLU B 98 -12.21 -28.46 1.88
N PHE B 99 -12.93 -28.19 0.79
CA PHE B 99 -13.05 -26.84 0.25
C PHE B 99 -13.66 -25.95 1.33
N ASP B 100 -14.72 -26.47 1.97
CA ASP B 100 -15.41 -25.75 3.03
C ASP B 100 -14.48 -25.41 4.18
N TYR B 101 -13.68 -26.38 4.61
CA TYR B 101 -12.75 -26.17 5.72
C TYR B 101 -11.80 -25.00 5.44
N ILE B 102 -11.30 -24.92 4.22
CA ILE B 102 -10.42 -23.84 3.81
C ILE B 102 -11.14 -22.50 3.91
N LEU B 103 -12.41 -22.47 3.55
CA LEU B 103 -13.23 -21.26 3.70
C LEU B 103 -13.43 -20.92 5.17
N SER B 104 -13.64 -21.94 5.99
CA SER B 104 -13.82 -21.75 7.42
C SER B 104 -12.61 -21.05 8.04
N VAL B 105 -11.43 -21.51 7.67
CA VAL B 105 -10.19 -20.96 8.22
C VAL B 105 -9.87 -19.60 7.62
N GLY B 106 -10.03 -19.47 6.31
CA GLY B 106 -9.57 -18.29 5.61
C GLY B 106 -10.58 -17.17 5.41
N LEU B 107 -11.87 -17.47 5.57
CA LEU B 107 -12.90 -16.50 5.21
C LEU B 107 -13.94 -16.32 6.30
N LYS B 108 -14.46 -17.42 6.83
CA LYS B 108 -15.45 -17.36 7.90
C LYS B 108 -14.82 -16.84 9.21
N ALA B 109 -13.61 -17.27 9.51
CA ALA B 109 -12.93 -16.87 10.73
C ALA B 109 -12.71 -15.36 10.81
N PRO B 110 -12.14 -14.77 9.75
CA PRO B 110 -11.97 -13.31 9.73
C PRO B 110 -13.30 -12.57 9.91
N TYR B 111 -14.38 -13.06 9.31
CA TYR B 111 -15.66 -12.40 9.50
C TYR B 111 -16.12 -12.51 10.96
N GLU B 112 -16.11 -13.72 11.48
CA GLU B 112 -16.65 -13.99 12.81
C GLU B 112 -15.85 -13.29 13.90
N LEU B 113 -14.54 -13.24 13.74
CA LEU B 113 -13.71 -12.52 14.70
C LEU B 113 -14.02 -11.03 14.65
N SER B 114 -14.15 -10.49 13.44
CA SER B 114 -14.53 -9.09 13.31
C SER B 114 -15.87 -8.85 13.99
N ARG B 115 -16.81 -9.78 13.78
CA ARG B 115 -18.14 -9.66 14.37
C ARG B 115 -18.09 -9.70 15.90
N LEU B 116 -17.34 -10.65 16.44
CA LEU B 116 -17.20 -10.79 17.89
C LEU B 116 -16.57 -9.55 18.50
N CYS B 117 -15.65 -8.91 17.77
CA CYS B 117 -14.90 -7.80 18.32
C CYS B 117 -15.46 -6.44 17.87
N ARG B 118 -16.59 -6.48 17.18
CA ARG B 118 -17.14 -5.27 16.57
C ARG B 118 -17.25 -4.08 17.53
N ASP B 119 -17.99 -4.28 18.62
CA ASP B 119 -18.25 -3.17 19.54
C ASP B 119 -16.98 -2.68 20.22
N GLU B 120 -16.12 -3.62 20.62
CA GLU B 120 -14.86 -3.27 21.25
C GLU B 120 -13.99 -2.44 20.31
N LEU B 121 -13.89 -2.86 19.05
CA LEU B 121 -13.06 -2.15 18.08
C LEU B 121 -13.62 -0.78 17.77
N ILE B 122 -14.94 -0.69 17.66
CA ILE B 122 -15.59 0.60 17.44
C ILE B 122 -15.29 1.54 18.62
N LYS B 123 -15.54 1.06 19.83
CA LYS B 123 -15.25 1.84 21.05
C LYS B 123 -13.81 2.33 21.10
N ASN B 124 -12.87 1.45 20.76
CA ASN B 124 -11.45 1.79 20.84
C ASN B 124 -10.91 2.44 19.57
N LYS B 125 -11.79 2.65 18.59
CA LYS B 125 -11.38 3.17 17.30
C LYS B 125 -10.21 2.38 16.74
N GLY B 126 -10.40 1.08 16.63
CA GLY B 126 -9.31 0.17 16.33
C GLY B 126 -9.05 -0.06 14.86
N ARG B 127 -8.37 -1.17 14.57
CA ARG B 127 -7.93 -1.50 13.22
C ARG B 127 -8.11 -2.99 12.99
N ILE B 128 -8.44 -3.36 11.76
CA ILE B 128 -8.44 -4.76 11.36
C ILE B 128 -7.50 -4.89 10.17
N ILE B 129 -6.57 -5.84 10.25
CA ILE B 129 -5.69 -6.12 9.12
C ILE B 129 -5.89 -7.56 8.67
N ASN B 130 -6.22 -7.74 7.41
CA ASN B 130 -6.38 -9.09 6.86
C ASN B 130 -5.18 -9.46 5.99
N ILE B 131 -4.71 -10.68 6.15
CA ILE B 131 -3.62 -11.18 5.33
C ILE B 131 -4.19 -12.05 4.22
N ALA B 132 -4.05 -11.62 2.97
CA ALA B 132 -4.54 -12.42 1.85
C ALA B 132 -3.37 -13.07 1.14
N SER B 133 -3.26 -12.84 -0.16
CA SER B 133 -2.22 -13.42 -1.00
C SER B 133 -2.41 -12.90 -2.41
N THR B 134 -1.34 -12.87 -3.20
CA THR B 134 -1.48 -12.53 -4.62
C THR B 134 -2.28 -13.59 -5.39
N ARG B 135 -2.48 -14.75 -4.77
CA ARG B 135 -3.35 -15.80 -5.31
C ARG B 135 -4.83 -15.37 -5.42
N ALA B 136 -5.15 -14.22 -4.84
CA ALA B 136 -6.49 -13.66 -5.00
C ALA B 136 -6.67 -13.08 -6.38
N PHE B 137 -5.57 -12.79 -7.07
CA PHE B 137 -5.63 -12.05 -8.33
C PHE B 137 -5.13 -12.84 -9.55
N GLN B 138 -4.22 -13.77 -9.32
CA GLN B 138 -3.73 -14.67 -10.39
C GLN B 138 -3.70 -16.07 -9.81
N SER B 139 -3.73 -17.09 -10.67
CA SER B 139 -3.78 -18.47 -10.20
C SER B 139 -2.77 -19.39 -10.88
N GLU B 140 -2.24 -20.33 -10.10
CA GLU B 140 -1.64 -21.54 -10.66
C GLU B 140 -2.77 -22.57 -10.73
N PRO B 141 -2.58 -23.61 -11.55
CA PRO B 141 -3.59 -24.68 -11.61
C PRO B 141 -3.82 -25.33 -10.24
N ASP B 142 -5.03 -25.84 -10.03
CA ASP B 142 -5.36 -26.64 -8.84
C ASP B 142 -5.31 -25.80 -7.54
N SER B 143 -5.77 -24.56 -7.62
CA SER B 143 -5.71 -23.65 -6.48
C SER B 143 -7.09 -23.13 -6.04
N GLU B 144 -8.14 -23.82 -6.46
CA GLU B 144 -9.51 -23.30 -6.29
C GLU B 144 -9.85 -22.87 -4.86
N ALA B 145 -9.54 -23.71 -3.88
CA ALA B 145 -9.97 -23.43 -2.50
C ALA B 145 -9.24 -22.22 -1.96
N TYR B 146 -7.94 -22.20 -2.14
CA TYR B 146 -7.10 -21.09 -1.71
C TYR B 146 -7.53 -19.79 -2.39
N ALA B 147 -7.74 -19.83 -3.70
CA ALA B 147 -8.16 -18.64 -4.45
C ALA B 147 -9.48 -18.09 -3.94
N SER B 148 -10.43 -18.99 -3.70
CA SER B 148 -11.76 -18.62 -3.23
C SER B 148 -11.69 -17.89 -1.88
N ALA B 149 -10.93 -18.46 -0.94
CA ALA B 149 -10.78 -17.87 0.38
C ALA B 149 -10.11 -16.51 0.30
N LYS B 150 -9.09 -16.41 -0.54
CA LYS B 150 -8.32 -15.17 -0.62
C LYS B 150 -9.08 -14.09 -1.38
N GLY B 151 -9.75 -14.47 -2.45
CA GLY B 151 -10.62 -13.55 -3.18
C GLY B 151 -11.67 -13.04 -2.21
N GLY B 152 -12.23 -13.96 -1.42
CA GLY B 152 -13.27 -13.60 -0.47
C GLY B 152 -12.77 -12.58 0.54
N ILE B 153 -11.55 -12.77 1.04
CA ILE B 153 -11.07 -11.91 2.10
C ILE B 153 -10.70 -10.52 1.58
N VAL B 154 -10.28 -10.43 0.32
CA VAL B 154 -10.04 -9.13 -0.31
C VAL B 154 -11.33 -8.31 -0.34
N ALA B 155 -12.44 -8.97 -0.69
CA ALA B 155 -13.74 -8.28 -0.74
C ALA B 155 -14.29 -8.01 0.67
N LEU B 156 -14.15 -8.99 1.57
CA LEU B 156 -14.54 -8.80 2.95
C LEU B 156 -13.87 -7.55 3.55
N THR B 157 -12.64 -7.29 3.13
CA THR B 157 -11.88 -6.15 3.61
C THR B 157 -12.58 -4.82 3.31
N HIS B 158 -12.99 -4.59 2.06
CA HIS B 158 -13.71 -3.36 1.77
C HIS B 158 -15.12 -3.33 2.34
N ALA B 159 -15.75 -4.50 2.46
CA ALA B 159 -17.06 -4.55 3.12
C ALA B 159 -16.97 -4.09 4.57
N LEU B 160 -16.01 -4.66 5.32
CA LEU B 160 -15.79 -4.28 6.71
C LEU B 160 -15.42 -2.80 6.84
N ALA B 161 -14.54 -2.34 5.95
CA ALA B 161 -14.14 -0.94 5.94
C ALA B 161 -15.34 -0.04 5.79
N MET B 162 -16.26 -0.39 4.89
CA MET B 162 -17.41 0.45 4.64
C MET B 162 -18.43 0.36 5.79
N SER B 163 -18.53 -0.81 6.41
CA SER B 163 -19.44 -0.96 7.55
C SER B 163 -18.93 -0.26 8.82
N LEU B 164 -17.63 -0.32 9.06
CA LEU B 164 -17.09 0.10 10.35
C LEU B 164 -16.44 1.49 10.35
N GLY B 165 -16.23 2.07 9.17
CA GLY B 165 -15.70 3.41 9.09
C GLY B 165 -16.74 4.37 9.65
N PRO B 166 -16.31 5.49 10.25
CA PRO B 166 -14.93 5.97 10.39
C PRO B 166 -14.20 5.44 11.63
N ASP B 167 -14.91 4.74 12.51
CA ASP B 167 -14.34 4.32 13.79
C ASP B 167 -13.24 3.27 13.66
N VAL B 168 -13.45 2.29 12.78
CA VAL B 168 -12.46 1.25 12.55
C VAL B 168 -12.01 1.30 11.09
N LEU B 169 -10.70 1.30 10.88
CA LEU B 169 -10.15 1.21 9.53
C LEU B 169 -9.70 -0.22 9.24
N VAL B 170 -10.02 -0.70 8.04
CA VAL B 170 -9.79 -2.10 7.70
C VAL B 170 -9.00 -2.22 6.39
N ASN B 171 -7.87 -2.91 6.43
CA ASN B 171 -7.05 -3.06 5.24
C ASN B 171 -6.53 -4.49 5.09
N CYS B 172 -5.97 -4.78 3.92
CA CYS B 172 -5.52 -6.13 3.60
C CYS B 172 -4.15 -6.07 2.93
N ILE B 173 -3.32 -7.06 3.24
CA ILE B 173 -2.02 -7.19 2.60
C ILE B 173 -2.01 -8.51 1.84
N ALA B 174 -1.60 -8.47 0.58
CA ALA B 174 -1.53 -9.67 -0.23
C ALA B 174 -0.06 -10.02 -0.49
N PRO B 175 0.51 -10.91 0.33
CA PRO B 175 1.91 -11.28 0.15
C PRO B 175 2.13 -12.14 -1.08
N GLY B 176 3.32 -12.04 -1.66
CA GLY B 176 3.76 -12.99 -2.67
C GLY B 176 4.53 -14.10 -1.96
N TRP B 177 5.73 -14.39 -2.42
CA TRP B 177 6.54 -15.46 -1.85
C TRP B 177 7.27 -14.98 -0.60
N ILE B 178 6.80 -15.42 0.56
CA ILE B 178 7.44 -15.09 1.82
C ILE B 178 8.10 -16.32 2.38
N ASN B 179 9.40 -16.26 2.62
CA ASN B 179 10.09 -17.43 3.15
C ASN B 179 9.77 -17.60 4.62
N VAL B 180 9.05 -18.66 4.95
CA VAL B 180 8.78 -18.97 6.34
C VAL B 180 9.44 -20.28 6.77
N THR B 181 10.46 -20.70 6.03
CA THR B 181 11.27 -21.85 6.43
C THR B 181 12.59 -21.38 7.03
N PHE B 186 17.79 -21.08 -1.56
CA PHE B 186 17.26 -20.56 -2.82
C PHE B 186 18.32 -20.47 -3.91
N THR B 187 17.96 -20.88 -5.12
CA THR B 187 18.86 -20.80 -6.26
C THR B 187 18.95 -19.36 -6.77
N GLN B 188 19.92 -19.07 -7.62
CA GLN B 188 20.05 -17.73 -8.14
C GLN B 188 18.89 -17.39 -9.09
N GLU B 189 18.28 -18.42 -9.65
CA GLU B 189 17.11 -18.25 -10.51
C GLU B 189 15.88 -17.88 -9.67
N ASP B 190 15.74 -18.55 -8.53
CA ASP B 190 14.67 -18.25 -7.58
C ASP B 190 14.61 -16.76 -7.28
N CYS B 191 15.77 -16.16 -7.06
CA CYS B 191 15.84 -14.77 -6.63
C CYS B 191 15.80 -13.82 -7.81
N ALA B 192 16.48 -14.17 -8.89
CA ALA B 192 16.52 -13.32 -10.08
C ALA B 192 15.17 -13.23 -10.80
N ALA B 193 14.33 -14.25 -10.63
CA ALA B 193 13.05 -14.30 -11.33
C ALA B 193 12.05 -13.30 -10.76
N ILE B 194 12.26 -12.93 -9.50
CA ILE B 194 11.45 -11.92 -8.85
C ILE B 194 12.05 -10.54 -9.14
N PRO B 195 11.23 -9.61 -9.66
CA PRO B 195 11.77 -8.31 -10.07
C PRO B 195 12.58 -7.60 -9.00
N ALA B 196 12.18 -7.72 -7.73
CA ALA B 196 12.91 -7.07 -6.65
C ALA B 196 14.19 -7.85 -6.29
N GLY B 197 14.34 -9.04 -6.86
CA GLY B 197 15.59 -9.78 -6.80
C GLY B 197 15.88 -10.52 -5.51
N LYS B 198 14.86 -10.72 -4.68
CA LYS B 198 15.02 -11.49 -3.45
C LYS B 198 13.70 -12.17 -3.13
N VAL B 199 13.76 -13.15 -2.24
CA VAL B 199 12.55 -13.76 -1.70
C VAL B 199 12.09 -12.93 -0.51
N GLY B 200 10.77 -12.78 -0.34
CA GLY B 200 10.22 -12.01 0.76
C GLY B 200 10.47 -12.61 2.13
N THR B 201 10.35 -11.78 3.16
CA THR B 201 10.51 -12.24 4.55
C THR B 201 9.31 -11.79 5.39
N PRO B 202 9.05 -12.50 6.50
CA PRO B 202 7.95 -12.12 7.38
C PRO B 202 8.00 -10.65 7.78
N LYS B 203 9.21 -10.13 7.99
CA LYS B 203 9.39 -8.72 8.34
C LYS B 203 8.84 -7.77 7.26
N ASP B 204 8.92 -8.20 6.00
CA ASP B 204 8.32 -7.40 4.90
C ASP B 204 6.82 -7.22 5.11
N ILE B 205 6.18 -8.23 5.69
CA ILE B 205 4.75 -8.16 5.94
C ILE B 205 4.42 -7.42 7.24
N SER B 206 5.13 -7.75 8.32
CA SER B 206 4.86 -7.12 9.60
C SER B 206 5.13 -5.62 9.57
N ASN B 207 6.16 -5.20 8.85
CA ASN B 207 6.38 -3.76 8.66
C ASN B 207 5.13 -3.07 8.11
N MET B 208 4.52 -3.66 7.08
CA MET B 208 3.33 -3.06 6.47
C MET B 208 2.11 -3.12 7.41
N VAL B 209 2.01 -4.21 8.18
CA VAL B 209 0.93 -4.34 9.15
C VAL B 209 0.99 -3.18 10.15
N LEU B 210 2.15 -2.99 10.78
CA LEU B 210 2.27 -1.93 11.77
C LEU B 210 2.07 -0.54 11.17
N PHE B 211 2.64 -0.32 9.99
CA PHE B 211 2.44 0.95 9.30
C PHE B 211 0.96 1.21 9.03
N LEU B 212 0.27 0.25 8.46
CA LEU B 212 -1.15 0.43 8.13
C LEU B 212 -1.97 0.73 9.38
N CYS B 213 -1.63 0.07 10.47
CA CYS B 213 -2.34 0.28 11.73
CA CYS B 213 -2.29 0.26 11.76
C CYS B 213 -2.20 1.71 12.23
N GLN B 214 -1.12 2.39 11.83
CA GLN B 214 -0.85 3.75 12.28
C GLN B 214 -1.45 4.85 11.41
N GLN B 215 -1.86 4.49 10.20
CA GLN B 215 -2.42 5.48 9.29
C GLN B 215 -3.89 5.71 9.63
N ASP B 216 -4.43 6.82 9.16
CA ASP B 216 -5.86 7.07 9.37
C ASP B 216 -6.57 7.56 8.11
N PHE B 217 -5.91 7.45 6.96
CA PHE B 217 -6.55 7.82 5.70
C PHE B 217 -6.48 6.70 4.66
N ILE B 218 -6.22 5.49 5.13
CA ILE B 218 -6.26 4.34 4.24
C ILE B 218 -7.22 3.33 4.81
N THR B 219 -8.24 2.98 4.03
CA THR B 219 -9.18 1.96 4.47
C THR B 219 -9.82 1.26 3.27
N GLY B 220 -10.05 -0.04 3.42
CA GLY B 220 -10.67 -0.86 2.39
C GLY B 220 -9.71 -1.38 1.34
N GLU B 221 -8.43 -1.01 1.48
N GLU B 221 -8.44 -1.01 1.46
CA GLU B 221 -7.41 -1.27 0.45
CA GLU B 221 -7.46 -1.30 0.43
C GLU B 221 -6.69 -2.60 0.63
C GLU B 221 -6.74 -2.63 0.63
N THR B 222 -6.30 -3.21 -0.49
CA THR B 222 -5.45 -4.40 -0.46
C THR B 222 -4.10 -4.03 -1.07
N ILE B 223 -3.03 -4.24 -0.33
CA ILE B 223 -1.70 -3.87 -0.80
C ILE B 223 -0.87 -5.10 -1.14
N ILE B 224 -0.33 -5.12 -2.35
CA ILE B 224 0.45 -6.26 -2.82
C ILE B 224 1.90 -6.13 -2.43
N VAL B 225 2.40 -7.13 -1.72
CA VAL B 225 3.79 -7.16 -1.29
C VAL B 225 4.44 -8.45 -1.79
N ASP B 226 4.90 -8.42 -3.03
CA ASP B 226 5.37 -9.64 -3.71
C ASP B 226 6.61 -9.42 -4.55
N GLY B 227 7.38 -8.39 -4.24
CA GLY B 227 8.59 -8.13 -5.00
C GLY B 227 8.33 -7.81 -6.46
N GLY B 228 7.10 -7.47 -6.78
CA GLY B 228 6.72 -7.13 -8.14
C GLY B 228 6.32 -8.28 -9.04
N MET B 229 6.27 -9.49 -8.51
CA MET B 229 6.06 -10.67 -9.34
C MET B 229 4.78 -10.58 -10.19
N SER B 230 3.69 -10.09 -9.59
CA SER B 230 2.42 -10.05 -10.29
C SER B 230 2.40 -9.01 -11.41
N LYS B 231 3.31 -8.04 -11.33
CA LYS B 231 3.39 -6.98 -12.35
C LYS B 231 4.23 -7.38 -13.54
N ARG B 232 4.91 -8.51 -13.44
CA ARG B 232 5.80 -8.96 -14.51
C ARG B 232 5.01 -9.66 -15.62
N MET B 233 4.99 -9.06 -16.81
CA MET B 233 4.39 -9.69 -17.98
C MET B 233 5.32 -10.80 -18.47
N ILE B 234 4.79 -11.99 -18.60
CA ILE B 234 5.60 -13.14 -19.00
C ILE B 234 5.00 -13.87 -20.20
N TYR B 235 5.76 -13.95 -21.27
CA TYR B 235 5.41 -14.77 -22.43
C TYR B 235 6.56 -15.71 -22.76
N HIS B 236 6.22 -16.94 -23.15
CA HIS B 236 7.24 -17.93 -23.42
C HIS B 236 8.26 -17.45 -24.45
N GLY B 237 9.54 -17.62 -24.13
CA GLY B 237 10.62 -17.31 -25.05
C GLY B 237 11.11 -15.88 -24.98
N ASP B 238 10.42 -15.05 -24.20
CA ASP B 238 10.77 -13.63 -24.10
C ASP B 238 11.32 -13.27 -22.73
N TRP B 239 12.32 -12.39 -22.73
CA TRP B 239 12.85 -11.84 -21.49
C TRP B 239 13.10 -12.87 -20.41
N ASN B 240 13.80 -13.95 -20.79
CA ASN B 240 14.35 -14.92 -19.85
C ASN B 240 13.40 -15.99 -19.34
N TRP B 241 12.14 -15.94 -19.77
CA TRP B 241 11.15 -16.90 -19.31
C TRP B 241 10.83 -17.96 -20.37
N PHE B 242 10.68 -19.21 -19.91
CA PHE B 242 10.43 -20.32 -20.82
C PHE B 242 9.42 -21.31 -20.27
N TYR B 243 8.44 -21.66 -21.09
CA TYR B 243 7.48 -22.70 -20.74
C TYR B 243 8.01 -24.06 -21.23
N LYS B 244 7.98 -25.06 -20.37
CA LYS B 244 8.43 -26.39 -20.78
C LYS B 244 7.30 -27.40 -20.67
N ILE B 245 6.95 -27.99 -21.82
CA ILE B 245 5.94 -29.04 -21.86
C ILE B 245 6.54 -30.34 -21.34
N ASP B 246 5.98 -30.87 -20.27
CA ASP B 246 6.51 -32.08 -19.64
C ASP B 246 5.97 -33.34 -20.29
#